data_7YII
#
_entry.id   7YII
#
_cell.length_a   48.677
_cell.length_b   90.472
_cell.length_c   131.358
_cell.angle_alpha   90.000
_cell.angle_beta   90.000
_cell.angle_gamma   90.000
#
_symmetry.space_group_name_H-M   'P 21 21 21'
#
loop_
_entity.id
_entity.type
_entity.pdbx_description
1 polymer 'Non-heme haloperoxidase'
2 water water
#
_entity_poly.entity_id   1
_entity_poly.type   'polypeptide(L)'
_entity_poly.pdbx_seq_one_letter_code
;MAIRETVGVDGTPLVYSVTGDPDARALVLLHGWAQSSKCWGPGVLDELAARYRVIAVDLRGHGYSGAPDTGYDDSAVWAG
DVDAVLTAEGVTSGAVLLGWSYGGLVICDYLASNGTSAVDGVVLVGAITSIGRGEAGGKVGAAMRAAIPGAMSEEPREAI
RALGAFGNALTGPPEGKGAQSQALFGASLTTPPRVRAALFNRSASHDDLLRSLDVPVLVLHGTEDSVVDVSAGRHAAELI
PQARASFWEGCDHGPFVEDPERFVKEVGEFVDNLG
;
_entity_poly.pdbx_strand_id   A,B
#
# COMPACT_ATOMS: atom_id res chain seq x y z
N ALA A 2 -6.25 -7.85 -12.64
CA ALA A 2 -6.57 -8.22 -11.23
C ALA A 2 -6.95 -6.97 -10.42
N ILE A 3 -6.37 -5.77 -10.63
CA ILE A 3 -6.81 -4.60 -9.81
C ILE A 3 -8.07 -3.97 -10.44
N ARG A 4 -9.05 -3.55 -9.65
CA ARG A 4 -10.17 -2.74 -10.15
C ARG A 4 -10.68 -1.78 -9.11
N GLU A 5 -11.69 -1.02 -9.51
CA GLU A 5 -12.23 0.02 -8.61
C GLU A 5 -13.68 0.25 -8.93
N THR A 6 -14.43 0.58 -7.90
CA THR A 6 -15.84 1.01 -8.00
C THR A 6 -15.97 2.24 -7.13
N VAL A 7 -17.17 2.60 -6.75
CA VAL A 7 -17.45 3.83 -5.98
C VAL A 7 -18.53 3.48 -4.97
N GLY A 8 -18.37 3.99 -3.76
CA GLY A 8 -19.34 3.86 -2.67
C GLY A 8 -20.49 4.83 -2.87
N VAL A 9 -21.43 4.80 -1.94
CA VAL A 9 -22.74 5.48 -2.06
C VAL A 9 -22.50 7.01 -1.93
N ASP A 10 -21.34 7.42 -1.40
CA ASP A 10 -20.95 8.83 -1.18
C ASP A 10 -19.93 9.30 -2.22
N GLY A 11 -19.68 8.54 -3.29
CA GLY A 11 -18.69 8.87 -4.32
C GLY A 11 -17.27 8.38 -4.00
N THR A 12 -17.05 7.76 -2.86
CA THR A 12 -15.68 7.35 -2.47
C THR A 12 -15.23 6.23 -3.39
N PRO A 13 -14.07 6.37 -4.06
CA PRO A 13 -13.51 5.27 -4.84
C PRO A 13 -13.08 4.10 -3.93
N LEU A 14 -13.39 2.90 -4.39
CA LEU A 14 -13.11 1.63 -3.66
C LEU A 14 -12.30 0.72 -4.56
N VAL A 15 -11.11 0.39 -4.12
CA VAL A 15 -10.19 -0.45 -4.89
C VAL A 15 -10.32 -1.87 -4.34
N TYR A 16 -10.25 -2.86 -5.22
CA TYR A 16 -10.23 -4.28 -4.86
C TYR A 16 -9.49 -5.02 -5.96
N SER A 17 -9.22 -6.29 -5.74
CA SER A 17 -8.53 -7.13 -6.73
C SER A 17 -9.28 -8.43 -6.84
N VAL A 18 -9.20 -9.04 -8.02
CA VAL A 18 -10.00 -10.24 -8.35
C VAL A 18 -9.00 -11.24 -8.90
N THR A 19 -9.12 -12.48 -8.47
CA THR A 19 -8.27 -13.57 -8.97
C THR A 19 -9.12 -14.85 -8.97
N GLY A 20 -8.64 -15.89 -9.66
CA GLY A 20 -9.33 -17.19 -9.72
C GLY A 20 -10.34 -17.24 -10.86
N ASP A 21 -10.98 -18.39 -10.98
CA ASP A 21 -11.97 -18.74 -12.04
C ASP A 21 -13.21 -17.87 -11.88
N PRO A 22 -13.50 -17.00 -12.87
CA PRO A 22 -14.70 -16.17 -12.82
C PRO A 22 -16.03 -16.91 -12.66
N ASP A 23 -16.06 -18.21 -12.98
CA ASP A 23 -17.28 -19.05 -12.85
C ASP A 23 -17.30 -19.75 -11.48
N ALA A 24 -16.24 -19.63 -10.67
CA ALA A 24 -16.22 -20.26 -9.32
C ALA A 24 -17.03 -19.40 -8.34
N ARG A 25 -17.31 -19.97 -7.17
CA ARG A 25 -18.05 -19.24 -6.13
C ARG A 25 -17.24 -18.02 -5.68
N ALA A 26 -17.90 -16.89 -5.49
CA ALA A 26 -17.24 -15.65 -5.03
C ALA A 26 -16.86 -15.83 -3.55
N LEU A 27 -15.61 -15.54 -3.24
CA LEU A 27 -15.12 -15.41 -1.84
C LEU A 27 -14.61 -13.99 -1.67
N VAL A 28 -15.34 -13.19 -0.91
CA VAL A 28 -15.07 -11.76 -0.68
C VAL A 28 -14.25 -11.67 0.62
N LEU A 29 -13.04 -11.09 0.53
CA LEU A 29 -12.18 -10.94 1.73
C LEU A 29 -12.24 -9.48 2.21
N LEU A 30 -12.66 -9.29 3.47
CA LEU A 30 -12.69 -7.95 4.10
C LEU A 30 -11.71 -7.98 5.28
N HIS A 31 -10.72 -7.11 5.18
CA HIS A 31 -9.60 -7.07 6.13
C HIS A 31 -9.95 -6.28 7.37
N GLY A 32 -8.98 -6.17 8.27
CA GLY A 32 -9.16 -5.48 9.56
C GLY A 32 -8.74 -4.04 9.60
N TRP A 33 -8.93 -3.47 10.77
CA TRP A 33 -8.54 -2.08 11.07
C TRP A 33 -7.08 -1.86 10.69
N ALA A 34 -6.84 -0.80 9.91
CA ALA A 34 -5.51 -0.30 9.54
C ALA A 34 -4.78 -1.35 8.70
N GLN A 35 -5.51 -2.27 8.08
CA GLN A 35 -4.87 -3.21 7.13
C GLN A 35 -5.28 -2.92 5.70
N SER A 36 -5.15 -3.92 4.82
CA SER A 36 -5.42 -3.80 3.37
C SER A 36 -5.66 -5.20 2.81
N SER A 37 -5.94 -5.25 1.50
CA SER A 37 -6.10 -6.49 0.70
C SER A 37 -4.81 -7.29 0.66
N LYS A 38 -3.67 -6.70 1.00
CA LYS A 38 -2.36 -7.41 1.05
C LYS A 38 -2.19 -8.24 2.31
N CYS A 39 -3.10 -8.13 3.30
CA CYS A 39 -2.85 -8.73 4.65
C CYS A 39 -2.79 -10.26 4.58
N TRP A 40 -3.50 -10.90 3.65
CA TRP A 40 -3.84 -12.34 3.71
C TRP A 40 -2.58 -13.18 3.50
N GLY A 41 -1.65 -12.65 2.74
CA GLY A 41 -0.39 -13.34 2.43
C GLY A 41 -0.50 -14.03 1.08
N PRO A 42 0.60 -14.04 0.32
CA PRO A 42 0.55 -14.58 -1.05
C PRO A 42 0.16 -16.06 -1.13
N GLY A 43 0.68 -16.91 -0.24
CA GLY A 43 0.34 -18.35 -0.22
C GLY A 43 -1.14 -18.60 -0.01
N VAL A 44 -1.73 -17.94 0.97
CA VAL A 44 -3.19 -18.05 1.26
C VAL A 44 -3.98 -17.59 0.04
N LEU A 45 -3.61 -16.45 -0.57
CA LEU A 45 -4.40 -15.92 -1.69
C LEU A 45 -4.27 -16.91 -2.87
N ASP A 46 -3.10 -17.45 -3.12
CA ASP A 46 -2.88 -18.43 -4.20
C ASP A 46 -3.72 -19.67 -4.00
N GLU A 47 -3.76 -20.20 -2.78
CA GLU A 47 -4.54 -21.42 -2.45
C GLU A 47 -6.05 -21.15 -2.61
N LEU A 48 -6.54 -20.01 -2.11
CA LEU A 48 -7.97 -19.62 -2.28
C LEU A 48 -8.27 -19.42 -3.77
N ALA A 49 -7.39 -18.77 -4.53
CA ALA A 49 -7.59 -18.46 -5.96
C ALA A 49 -7.68 -19.77 -6.77
N ALA A 50 -7.08 -20.86 -6.32
CA ALA A 50 -7.14 -22.18 -7.00
C ALA A 50 -8.56 -22.76 -6.84
N ARG A 51 -9.37 -22.27 -5.90
CA ARG A 51 -10.67 -22.90 -5.56
C ARG A 51 -11.83 -21.97 -5.87
N TYR A 52 -11.67 -20.66 -5.66
CA TYR A 52 -12.78 -19.69 -5.61
C TYR A 52 -12.43 -18.49 -6.48
N ARG A 53 -13.43 -17.66 -6.73
CA ARG A 53 -13.29 -16.32 -7.32
C ARG A 53 -13.05 -15.39 -6.13
N VAL A 54 -11.78 -15.08 -5.91
CA VAL A 54 -11.34 -14.30 -4.74
C VAL A 54 -11.42 -12.82 -5.07
N ILE A 55 -12.19 -12.09 -4.28
CA ILE A 55 -12.40 -10.63 -4.41
C ILE A 55 -11.84 -10.04 -3.12
N ALA A 56 -10.68 -9.44 -3.18
CA ALA A 56 -9.99 -8.89 -1.99
C ALA A 56 -10.11 -7.38 -1.99
N VAL A 57 -10.89 -6.86 -1.05
CA VAL A 57 -11.24 -5.42 -1.00
C VAL A 57 -10.21 -4.65 -0.17
N ASP A 58 -9.98 -3.42 -0.55
CA ASP A 58 -9.43 -2.39 0.36
C ASP A 58 -10.59 -1.61 0.95
N LEU A 59 -10.75 -1.65 2.27
CA LEU A 59 -11.82 -0.87 2.91
C LEU A 59 -11.62 0.60 2.61
N ARG A 60 -12.70 1.39 2.63
CA ARG A 60 -12.55 2.85 2.56
C ARG A 60 -11.56 3.29 3.64
N GLY A 61 -10.72 4.27 3.32
CA GLY A 61 -9.72 4.80 4.26
C GLY A 61 -8.45 3.96 4.25
N HIS A 62 -8.43 2.85 3.53
CA HIS A 62 -7.36 1.81 3.62
C HIS A 62 -6.80 1.49 2.23
N GLY A 63 -5.53 1.04 2.21
CA GLY A 63 -4.89 0.58 0.97
C GLY A 63 -5.01 1.65 -0.10
N TYR A 64 -5.51 1.34 -1.28
CA TYR A 64 -5.59 2.30 -2.41
C TYR A 64 -7.01 2.84 -2.54
N SER A 65 -7.91 2.52 -1.60
CA SER A 65 -9.27 3.13 -1.61
C SER A 65 -9.19 4.60 -1.18
N GLY A 66 -10.20 5.38 -1.58
CA GLY A 66 -10.39 6.74 -1.09
C GLY A 66 -10.44 6.82 0.42
N ALA A 67 -9.92 7.92 0.97
CA ALA A 67 -9.89 8.17 2.43
C ALA A 67 -10.58 9.50 2.71
N PRO A 68 -11.91 9.57 2.58
CA PRO A 68 -12.63 10.80 2.91
C PRO A 68 -12.54 11.14 4.41
N ASP A 69 -12.98 12.35 4.75
CA ASP A 69 -12.88 12.91 6.12
C ASP A 69 -13.91 12.27 7.06
N THR A 70 -15.15 12.05 6.60
CA THR A 70 -16.30 11.60 7.43
C THR A 70 -16.92 10.35 6.76
N GLY A 71 -17.90 9.69 7.40
CA GLY A 71 -18.68 8.56 6.82
C GLY A 71 -18.46 7.23 7.56
N TYR A 72 -17.38 7.15 8.32
CA TYR A 72 -16.92 5.86 8.88
C TYR A 72 -17.82 5.39 10.03
N ASP A 73 -18.70 6.23 10.57
CA ASP A 73 -19.60 5.88 11.69
C ASP A 73 -21.00 5.57 11.17
N ASP A 74 -21.17 5.45 9.85
CA ASP A 74 -22.48 5.20 9.22
C ASP A 74 -22.55 3.78 8.69
N SER A 75 -23.31 2.90 9.35
CA SER A 75 -23.45 1.48 8.92
C SER A 75 -23.92 1.40 7.45
N ALA A 76 -24.78 2.32 6.99
CA ALA A 76 -25.34 2.32 5.61
C ALA A 76 -24.23 2.56 4.58
N VAL A 77 -23.28 3.39 4.92
CA VAL A 77 -22.17 3.71 4.00
C VAL A 77 -21.32 2.45 3.83
N TRP A 78 -20.96 1.77 4.93
CA TRP A 78 -20.17 0.52 4.84
C TRP A 78 -20.93 -0.53 4.04
N ALA A 79 -22.24 -0.70 4.35
CA ALA A 79 -23.13 -1.60 3.59
C ALA A 79 -23.02 -1.29 2.10
N GLY A 80 -23.07 0.00 1.73
CA GLY A 80 -23.02 0.41 0.32
C GLY A 80 -21.70 0.08 -0.37
N ASP A 81 -20.60 0.04 0.40
CA ASP A 81 -19.29 -0.33 -0.15
C ASP A 81 -19.29 -1.81 -0.52
N VAL A 82 -19.81 -2.66 0.35
CA VAL A 82 -19.84 -4.10 0.01
C VAL A 82 -20.76 -4.30 -1.21
N ASP A 83 -21.93 -3.68 -1.18
CA ASP A 83 -22.93 -3.76 -2.28
C ASP A 83 -22.27 -3.30 -3.58
N ALA A 84 -21.45 -2.24 -3.52
CA ALA A 84 -20.81 -1.66 -4.72
C ALA A 84 -19.88 -2.70 -5.34
N VAL A 85 -19.06 -3.34 -4.51
CA VAL A 85 -18.12 -4.36 -5.03
C VAL A 85 -18.89 -5.54 -5.63
N LEU A 86 -19.85 -6.08 -4.90
CA LEU A 86 -20.62 -7.26 -5.39
C LEU A 86 -21.28 -6.88 -6.73
N THR A 87 -21.86 -5.70 -6.78
CA THR A 87 -22.56 -5.19 -8.00
C THR A 87 -21.55 -5.09 -9.14
N ALA A 88 -20.39 -4.44 -8.92
CA ALA A 88 -19.38 -4.25 -9.96
C ALA A 88 -18.97 -5.60 -10.51
N GLU A 89 -18.95 -6.65 -9.69
CA GLU A 89 -18.47 -7.97 -10.14
C GLU A 89 -19.65 -8.84 -10.59
N GLY A 90 -20.87 -8.34 -10.53
CA GLY A 90 -22.06 -9.11 -10.98
C GLY A 90 -22.34 -10.30 -10.06
N VAL A 91 -22.03 -10.14 -8.77
CA VAL A 91 -22.27 -11.22 -7.77
C VAL A 91 -23.63 -10.99 -7.15
N THR A 92 -24.63 -11.79 -7.54
CA THR A 92 -26.00 -11.65 -6.99
C THR A 92 -26.41 -12.89 -6.20
N SER A 93 -25.60 -13.96 -6.19
CA SER A 93 -25.89 -15.15 -5.37
C SER A 93 -24.62 -15.94 -5.10
N GLY A 94 -24.66 -16.76 -4.07
CA GLY A 94 -23.63 -17.78 -3.88
C GLY A 94 -22.40 -17.27 -3.12
N ALA A 95 -22.31 -15.98 -2.82
CA ALA A 95 -21.05 -15.39 -2.28
C ALA A 95 -20.79 -15.88 -0.85
N VAL A 96 -19.51 -16.03 -0.50
CA VAL A 96 -19.11 -16.17 0.92
C VAL A 96 -18.38 -14.89 1.29
N LEU A 97 -18.83 -14.24 2.34
CA LEU A 97 -18.14 -13.03 2.86
C LEU A 97 -17.26 -13.52 4.00
N LEU A 98 -15.95 -13.21 3.90
CA LEU A 98 -14.98 -13.56 4.96
C LEU A 98 -14.48 -12.23 5.54
N GLY A 99 -14.73 -12.01 6.83
CA GLY A 99 -14.31 -10.77 7.52
C GLY A 99 -13.31 -11.12 8.60
N TRP A 100 -12.14 -10.48 8.53
CA TRP A 100 -11.13 -10.56 9.60
C TRP A 100 -11.24 -9.29 10.45
N SER A 101 -11.40 -9.45 11.76
CA SER A 101 -11.27 -8.34 12.72
C SER A 101 -12.39 -7.35 12.41
N TYR A 102 -12.08 -6.09 12.17
CA TYR A 102 -13.09 -5.09 11.79
C TYR A 102 -13.94 -5.53 10.59
N GLY A 103 -13.39 -6.34 9.68
CA GLY A 103 -14.13 -6.87 8.52
C GLY A 103 -15.45 -7.52 8.94
N GLY A 104 -15.49 -8.14 10.10
CA GLY A 104 -16.74 -8.75 10.56
C GLY A 104 -17.84 -7.69 10.76
N LEU A 105 -17.50 -6.51 11.23
CA LEU A 105 -18.50 -5.45 11.47
C LEU A 105 -18.96 -4.91 10.09
N VAL A 106 -18.03 -4.78 9.15
CA VAL A 106 -18.36 -4.37 7.74
C VAL A 106 -19.41 -5.34 7.16
N ILE A 107 -19.19 -6.63 7.30
CA ILE A 107 -20.12 -7.70 6.85
C ILE A 107 -21.47 -7.51 7.55
N CYS A 108 -21.45 -7.33 8.87
CA CYS A 108 -22.73 -7.17 9.61
C CYS A 108 -23.45 -5.89 9.17
N ASP A 109 -22.75 -4.79 8.94
CA ASP A 109 -23.41 -3.59 8.37
C ASP A 109 -24.08 -3.95 7.04
N TYR A 110 -23.37 -4.64 6.15
CA TYR A 110 -23.92 -5.01 4.83
C TYR A 110 -25.15 -5.91 5.01
N LEU A 111 -25.05 -6.94 5.84
CA LEU A 111 -26.19 -7.88 5.97
C LEU A 111 -27.37 -7.13 6.60
N ALA A 112 -27.15 -6.19 7.51
CA ALA A 112 -28.25 -5.49 8.20
C ALA A 112 -29.01 -4.64 7.16
N SER A 113 -28.34 -4.06 6.15
CA SER A 113 -28.98 -3.17 5.14
C SER A 113 -29.54 -4.04 4.04
N ASN A 114 -28.83 -5.05 3.62
CA ASN A 114 -29.10 -5.69 2.33
C ASN A 114 -29.72 -7.07 2.47
N GLY A 115 -29.66 -7.66 3.64
CA GLY A 115 -30.11 -9.05 3.80
C GLY A 115 -29.13 -10.04 3.22
N THR A 116 -29.51 -11.32 3.17
CA THR A 116 -28.62 -12.44 2.80
C THR A 116 -28.87 -13.00 1.41
N SER A 117 -29.64 -12.34 0.55
CA SER A 117 -29.95 -12.99 -0.74
C SER A 117 -28.71 -13.26 -1.58
N ALA A 118 -27.64 -12.42 -1.56
CA ALA A 118 -26.45 -12.60 -2.41
C ALA A 118 -25.41 -13.56 -1.81
N VAL A 119 -25.60 -13.98 -0.55
CA VAL A 119 -24.55 -14.74 0.17
C VAL A 119 -25.07 -16.14 0.48
N ASP A 120 -24.22 -17.13 0.40
CA ASP A 120 -24.54 -18.49 0.88
C ASP A 120 -23.84 -18.78 2.21
N GLY A 121 -22.90 -17.94 2.68
CA GLY A 121 -22.18 -18.24 3.92
C GLY A 121 -21.31 -17.08 4.33
N VAL A 122 -20.95 -17.07 5.59
CA VAL A 122 -20.09 -15.98 6.17
C VAL A 122 -18.97 -16.70 6.95
N VAL A 123 -17.80 -16.12 6.92
CA VAL A 123 -16.67 -16.57 7.80
C VAL A 123 -16.21 -15.36 8.61
N LEU A 124 -16.25 -15.48 9.92
CA LEU A 124 -15.82 -14.43 10.86
C LEU A 124 -14.51 -14.88 11.50
N VAL A 125 -13.44 -14.18 11.17
CA VAL A 125 -12.08 -14.63 11.54
C VAL A 125 -11.60 -13.62 12.59
N GLY A 126 -11.44 -14.01 13.84
CA GLY A 126 -10.99 -13.05 14.87
C GLY A 126 -11.87 -11.80 14.86
N ALA A 127 -13.18 -11.92 14.57
CA ALA A 127 -14.00 -10.78 14.12
C ALA A 127 -14.69 -10.06 15.28
N ILE A 128 -14.86 -8.75 15.15
CA ILE A 128 -15.96 -8.06 15.88
C ILE A 128 -17.22 -8.11 14.98
N THR A 129 -18.40 -8.08 15.61
CA THR A 129 -19.70 -8.01 14.89
C THR A 129 -20.48 -6.76 15.31
N SER A 130 -20.07 -6.11 16.40
CA SER A 130 -20.70 -4.86 16.91
C SER A 130 -19.54 -3.99 17.41
N ILE A 131 -19.84 -2.76 17.76
CA ILE A 131 -18.82 -1.89 18.36
C ILE A 131 -19.51 -0.91 19.28
N GLY A 132 -18.91 -0.66 20.44
CA GLY A 132 -19.47 0.36 21.34
C GLY A 132 -19.67 -0.08 22.78
N GLY A 134 -20.51 -1.72 25.88
CA GLY A 134 -21.18 -2.94 26.39
C GLY A 134 -21.60 -3.95 25.32
N GLU A 135 -21.01 -3.88 24.14
CA GLU A 135 -21.32 -4.83 23.04
C GLU A 135 -20.42 -6.07 23.20
N ALA A 136 -20.98 -7.23 23.46
CA ALA A 136 -20.18 -8.45 23.64
C ALA A 136 -19.48 -8.85 22.32
N GLY A 137 -20.06 -8.50 21.18
CA GLY A 137 -19.45 -8.77 19.86
C GLY A 137 -18.39 -7.75 19.47
N GLY A 138 -18.06 -6.80 20.35
CA GLY A 138 -17.05 -5.78 20.06
C GLY A 138 -15.96 -5.79 21.10
N LYS A 139 -15.84 -6.87 21.86
CA LYS A 139 -14.95 -6.88 23.03
C LYS A 139 -13.48 -6.90 22.57
N VAL A 140 -12.78 -5.84 22.93
CA VAL A 140 -11.34 -5.59 22.64
C VAL A 140 -10.48 -6.55 23.48
N GLY A 141 -9.35 -7.02 22.95
CA GLY A 141 -8.34 -7.78 23.72
C GLY A 141 -7.36 -6.82 24.39
N ALA A 142 -6.42 -7.35 25.17
CA ALA A 142 -5.55 -6.49 25.99
C ALA A 142 -4.57 -5.69 25.12
N ALA A 143 -4.09 -6.23 23.99
CA ALA A 143 -3.10 -5.47 23.16
C ALA A 143 -3.80 -4.27 22.52
N MET A 144 -5.04 -4.45 22.07
CA MET A 144 -5.76 -3.31 21.42
C MET A 144 -6.13 -2.28 22.49
N ARG A 145 -6.49 -2.75 23.70
CA ARG A 145 -6.92 -1.82 24.78
C ARG A 145 -5.70 -0.93 25.12
N ALA A 146 -4.51 -1.50 25.17
CA ALA A 146 -3.27 -0.75 25.52
C ALA A 146 -2.94 0.27 24.41
N ALA A 147 -3.27 -0.02 23.16
CA ALA A 147 -2.86 0.80 21.99
C ALA A 147 -3.75 2.04 21.77
N ILE A 148 -4.93 2.06 22.38
CA ILE A 148 -5.85 3.22 22.25
C ILE A 148 -5.54 4.19 23.37
N PRO A 149 -5.27 5.49 23.10
CA PRO A 149 -5.28 6.09 21.75
C PRO A 149 -3.92 6.33 21.07
N GLY A 150 -2.84 5.80 21.65
CA GLY A 150 -1.50 5.98 21.12
C GLY A 150 -1.39 5.60 19.65
N ALA A 151 -2.04 4.52 19.27
CA ALA A 151 -1.90 3.98 17.90
C ALA A 151 -2.66 4.86 16.89
N MET A 152 -3.51 5.80 17.33
CA MET A 152 -4.18 6.72 16.39
C MET A 152 -3.49 8.09 16.40
N SER A 153 -2.35 8.21 17.02
CA SER A 153 -1.70 9.52 17.18
C SER A 153 -1.21 9.98 15.79
N GLU A 154 -1.31 11.27 15.53
CA GLU A 154 -0.62 11.92 14.38
C GLU A 154 0.89 11.95 14.63
N GLU A 155 1.34 12.01 15.88
CA GLU A 155 2.77 12.16 16.20
C GLU A 155 3.48 10.84 15.93
N PRO A 156 4.45 10.80 15.00
CA PRO A 156 4.92 9.52 14.51
C PRO A 156 5.68 8.67 15.53
N ARG A 157 6.44 9.26 16.47
CA ARG A 157 7.15 8.41 17.44
C ARG A 157 6.16 7.66 18.31
N GLU A 158 5.15 8.36 18.82
CA GLU A 158 4.05 7.73 19.61
C GLU A 158 3.35 6.65 18.76
N ALA A 159 2.92 6.95 17.54
CA ALA A 159 2.16 5.96 16.76
C ALA A 159 3.05 4.74 16.43
N ILE A 160 4.30 4.96 16.06
CA ILE A 160 5.22 3.83 15.73
C ILE A 160 5.35 2.94 16.97
N ARG A 161 5.57 3.53 18.15
CA ARG A 161 5.69 2.73 19.39
C ARG A 161 4.39 1.95 19.61
N ALA A 162 3.22 2.62 19.58
CA ALA A 162 1.96 2.01 20.00
C ALA A 162 1.60 0.90 19.00
N LEU A 163 1.75 1.19 17.70
CA LEU A 163 1.43 0.12 16.71
C LEU A 163 2.48 -1.00 16.87
N GLY A 164 3.76 -0.66 17.07
CA GLY A 164 4.82 -1.68 17.18
C GLY A 164 4.62 -2.56 18.41
N ALA A 165 3.98 -2.05 19.45
CA ALA A 165 3.78 -2.77 20.72
C ALA A 165 2.78 -3.93 20.54
N PHE A 166 2.05 -3.99 19.43
CA PHE A 166 1.22 -5.19 19.14
C PHE A 166 2.13 -6.42 18.99
N GLY A 167 3.40 -6.20 18.66
CA GLY A 167 4.42 -7.27 18.61
C GLY A 167 4.02 -8.35 17.65
N ASN A 168 3.85 -9.58 18.15
CA ASN A 168 3.55 -10.76 17.31
C ASN A 168 2.04 -11.00 17.22
N ALA A 169 1.20 -10.05 17.64
CA ALA A 169 -0.27 -10.29 17.67
C ALA A 169 -0.81 -10.79 16.32
N LEU A 170 -0.32 -10.27 15.21
CA LEU A 170 -0.88 -10.61 13.88
C LEU A 170 -0.18 -11.81 13.22
N THR A 171 0.97 -12.26 13.72
CA THR A 171 1.74 -13.30 13.03
C THR A 171 1.88 -14.57 13.86
N GLY A 172 1.83 -14.44 15.18
CA GLY A 172 2.43 -15.41 16.09
C GLY A 172 3.95 -15.37 15.98
N PRO A 173 4.66 -16.39 16.55
CA PRO A 173 6.12 -16.42 16.50
C PRO A 173 6.58 -16.21 15.05
N PRO A 174 7.41 -15.19 14.75
CA PRO A 174 7.61 -14.73 13.38
C PRO A 174 8.74 -15.43 12.62
N GLU A 175 9.30 -16.50 13.18
CA GLU A 175 10.37 -17.25 12.48
C GLU A 175 9.89 -17.64 11.07
N GLY A 176 10.65 -17.28 10.04
CA GLY A 176 10.27 -17.64 8.66
C GLY A 176 9.14 -16.80 8.08
N LYS A 177 8.63 -15.81 8.83
CA LYS A 177 7.48 -14.94 8.44
C LYS A 177 7.84 -13.46 8.59
N GLY A 178 9.12 -13.14 8.59
CA GLY A 178 9.63 -11.80 8.90
C GLY A 178 9.11 -10.75 7.91
N ALA A 179 9.03 -11.08 6.64
CA ALA A 179 8.52 -10.15 5.62
C ALA A 179 7.04 -9.87 5.92
N GLN A 180 6.25 -10.88 6.27
CA GLN A 180 4.84 -10.66 6.64
C GLN A 180 4.73 -9.79 7.88
N SER A 181 5.55 -10.04 8.91
CA SER A 181 5.55 -9.22 10.13
C SER A 181 5.77 -7.75 9.77
N GLN A 182 6.77 -7.50 8.94
CA GLN A 182 7.11 -6.12 8.50
C GLN A 182 5.93 -5.50 7.74
N ALA A 183 5.39 -6.24 6.77
CA ALA A 183 4.32 -5.74 5.88
C ALA A 183 3.08 -5.44 6.72
N LEU A 184 2.72 -6.27 7.70
CA LEU A 184 1.48 -6.00 8.47
C LEU A 184 1.68 -4.76 9.33
N PHE A 185 2.87 -4.58 9.90
CA PHE A 185 3.18 -3.38 10.71
C PHE A 185 3.10 -2.17 9.75
N GLY A 186 3.71 -2.32 8.59
CA GLY A 186 3.79 -1.22 7.62
C GLY A 186 2.42 -0.77 7.17
N ALA A 187 1.53 -1.71 6.85
CA ALA A 187 0.17 -1.40 6.38
C ALA A 187 -0.54 -0.52 7.43
N SER A 188 -0.35 -0.80 8.71
CA SER A 188 -1.02 -0.04 9.80
C SER A 188 -0.54 1.41 9.79
N LEU A 189 0.75 1.61 9.56
CA LEU A 189 1.34 2.96 9.52
C LEU A 189 0.93 3.73 8.27
N THR A 190 0.69 3.04 7.17
CA THR A 190 0.21 3.70 5.92
C THR A 190 -1.23 4.13 6.03
N THR A 191 -2.00 3.53 6.92
CA THR A 191 -3.41 3.92 7.17
C THR A 191 -3.37 5.26 7.90
N PRO A 192 -4.04 6.32 7.40
CA PRO A 192 -3.96 7.64 8.07
C PRO A 192 -4.40 7.55 9.52
N PRO A 193 -3.70 8.22 10.47
CA PRO A 193 -4.15 8.27 11.86
C PRO A 193 -5.63 8.66 12.02
N ARG A 194 -6.10 9.58 11.18
CA ARG A 194 -7.50 10.08 11.31
C ARG A 194 -8.46 8.97 10.94
N VAL A 195 -8.08 8.11 10.01
CA VAL A 195 -8.88 6.90 9.65
C VAL A 195 -8.83 5.87 10.79
N ARG A 196 -7.63 5.61 11.36
CA ARG A 196 -7.54 4.67 12.47
C ARG A 196 -8.50 5.14 13.56
N ALA A 197 -8.54 6.45 13.84
CA ALA A 197 -9.44 6.98 14.90
C ALA A 197 -10.91 6.89 14.47
N ALA A 198 -11.24 7.25 13.24
CA ALA A 198 -12.64 7.37 12.81
C ALA A 198 -13.32 5.99 12.84
N LEU A 199 -12.56 4.92 12.59
CA LEU A 199 -13.16 3.55 12.55
C LEU A 199 -13.74 3.21 13.91
N PHE A 200 -13.15 3.72 14.99
CA PHE A 200 -13.56 3.36 16.36
C PHE A 200 -14.50 4.41 16.96
N ASN A 201 -14.67 5.55 16.31
CA ASN A 201 -15.51 6.68 16.83
C ASN A 201 -16.93 6.46 16.36
N ARG A 202 -17.56 5.38 16.82
CA ARG A 202 -18.87 5.00 16.30
C ARG A 202 -19.50 3.95 17.23
N SER A 203 -20.75 3.67 17.01
CA SER A 203 -21.40 2.57 17.73
C SER A 203 -22.29 1.85 16.74
N ALA A 204 -22.32 0.53 16.83
CA ALA A 204 -23.22 -0.29 16.00
C ALA A 204 -23.58 -1.53 16.79
N SER A 205 -24.85 -1.87 16.77
CA SER A 205 -25.35 -2.98 17.60
C SER A 205 -25.98 -4.01 16.66
N HIS A 206 -25.39 -5.20 16.55
CA HIS A 206 -25.80 -6.16 15.52
C HIS A 206 -26.23 -7.49 16.15
N ASP A 207 -26.40 -7.57 17.47
CA ASP A 207 -26.81 -8.86 18.09
C ASP A 207 -28.15 -9.32 17.47
N ASP A 208 -29.09 -8.39 17.22
CA ASP A 208 -30.39 -8.66 16.57
C ASP A 208 -30.14 -9.32 15.20
N LEU A 209 -29.26 -8.71 14.42
CA LEU A 209 -28.89 -9.23 13.09
C LEU A 209 -28.33 -10.64 13.23
N LEU A 210 -27.43 -10.87 14.22
CA LEU A 210 -26.81 -12.22 14.34
C LEU A 210 -27.89 -13.26 14.59
N ARG A 211 -28.83 -12.94 15.47
CA ARG A 211 -29.93 -13.88 15.85
C ARG A 211 -30.82 -14.19 14.64
N SER A 212 -30.86 -13.32 13.61
CA SER A 212 -31.77 -13.37 12.44
C SER A 212 -31.09 -14.08 11.27
N LEU A 213 -29.78 -14.37 11.33
CA LEU A 213 -29.09 -14.84 10.12
C LEU A 213 -29.62 -16.22 9.69
N ASP A 214 -29.75 -16.40 8.37
CA ASP A 214 -30.35 -17.62 7.80
C ASP A 214 -29.38 -18.31 6.85
N VAL A 215 -28.08 -18.12 7.09
CA VAL A 215 -27.04 -18.86 6.34
C VAL A 215 -26.02 -19.39 7.35
N PRO A 216 -25.22 -20.42 6.94
CA PRO A 216 -24.14 -20.96 7.75
C PRO A 216 -23.05 -19.91 7.98
N VAL A 217 -22.52 -19.91 9.19
CA VAL A 217 -21.39 -19.01 9.55
C VAL A 217 -20.36 -19.85 10.29
N LEU A 218 -19.12 -19.75 9.79
CA LEU A 218 -17.92 -20.30 10.48
C LEU A 218 -17.32 -19.18 11.29
N VAL A 219 -17.30 -19.36 12.62
CA VAL A 219 -16.55 -18.48 13.55
C VAL A 219 -15.19 -19.15 13.77
N LEU A 220 -14.11 -18.51 13.32
CA LEU A 220 -12.72 -19.02 13.47
C LEU A 220 -11.97 -17.97 14.29
N HIS A 221 -11.48 -18.34 15.46
CA HIS A 221 -10.97 -17.34 16.40
C HIS A 221 -9.88 -18.00 17.23
N GLY A 222 -8.79 -17.28 17.44
CA GLY A 222 -7.75 -17.80 18.33
C GLY A 222 -8.15 -17.66 19.78
N THR A 223 -7.79 -18.61 20.66
CA THR A 223 -8.21 -18.59 22.08
C THR A 223 -7.33 -17.62 22.86
N GLU A 224 -6.23 -17.16 22.25
CA GLU A 224 -5.32 -16.17 22.88
C GLU A 224 -5.22 -14.90 22.02
N ASP A 225 -6.34 -14.49 21.44
CA ASP A 225 -6.41 -13.28 20.59
C ASP A 225 -6.33 -12.05 21.49
N SER A 226 -5.23 -11.30 21.36
CA SER A 226 -4.93 -10.10 22.17
C SER A 226 -5.56 -8.85 21.53
N VAL A 227 -6.25 -8.99 20.40
CA VAL A 227 -6.81 -7.83 19.64
C VAL A 227 -8.34 -7.82 19.74
N VAL A 228 -8.97 -8.96 19.40
CA VAL A 228 -10.43 -9.16 19.61
C VAL A 228 -10.57 -10.35 20.54
N ASP A 229 -11.11 -10.10 21.72
CA ASP A 229 -11.24 -11.18 22.72
C ASP A 229 -12.03 -12.34 22.12
N VAL A 230 -11.52 -13.53 22.32
CA VAL A 230 -12.23 -14.77 21.86
C VAL A 230 -13.69 -14.80 22.34
N SER A 231 -14.02 -14.10 23.40
CA SER A 231 -15.40 -14.01 23.92
C SER A 231 -16.31 -13.43 22.84
N ALA A 232 -15.83 -12.50 22.01
CA ALA A 232 -16.64 -11.94 20.91
C ALA A 232 -17.02 -13.07 19.92
N GLY A 233 -16.10 -14.00 19.66
CA GLY A 233 -16.33 -15.13 18.75
C GLY A 233 -17.31 -16.09 19.39
N ARG A 234 -17.12 -16.38 20.67
CA ARG A 234 -18.04 -17.29 21.41
C ARG A 234 -19.45 -16.69 21.39
N HIS A 235 -19.56 -15.39 21.55
CA HIS A 235 -20.85 -14.61 21.51
C HIS A 235 -21.50 -14.80 20.15
N ALA A 236 -20.76 -14.55 19.06
CA ALA A 236 -21.27 -14.77 17.67
C ALA A 236 -21.77 -16.23 17.52
N ALA A 237 -20.96 -17.20 17.94
CA ALA A 237 -21.25 -18.63 17.74
C ALA A 237 -22.52 -19.00 18.52
N GLU A 238 -22.78 -18.35 19.64
CA GLU A 238 -24.00 -18.63 20.44
C GLU A 238 -25.22 -17.99 19.76
N LEU A 239 -25.11 -16.78 19.22
CA LEU A 239 -26.29 -16.02 18.78
C LEU A 239 -26.69 -16.49 17.38
N ILE A 240 -25.74 -16.89 16.52
CA ILE A 240 -26.02 -17.13 15.09
C ILE A 240 -26.64 -18.52 14.97
N PRO A 241 -27.87 -18.65 14.42
CA PRO A 241 -28.55 -19.94 14.39
C PRO A 241 -27.77 -21.08 13.74
N GLN A 242 -27.05 -20.77 12.66
CA GLN A 242 -26.33 -21.79 11.86
C GLN A 242 -24.81 -21.57 12.05
N ALA A 243 -24.41 -21.13 13.22
CA ALA A 243 -22.96 -21.04 13.52
C ALA A 243 -22.31 -22.41 13.69
N ARG A 244 -21.06 -22.56 13.23
CA ARG A 244 -20.12 -23.60 13.67
C ARG A 244 -18.84 -22.84 14.02
N ALA A 245 -18.05 -23.39 14.94
CA ALA A 245 -16.93 -22.63 15.53
C ALA A 245 -15.65 -23.46 15.47
N SER A 246 -14.56 -22.78 15.13
CA SER A 246 -13.20 -23.39 15.19
C SER A 246 -12.37 -22.49 16.06
N PHE A 247 -12.13 -22.90 17.28
CA PHE A 247 -11.34 -22.09 18.25
C PHE A 247 -9.93 -22.63 18.21
N TRP A 248 -8.97 -21.85 17.71
CA TRP A 248 -7.58 -22.34 17.54
C TRP A 248 -6.84 -22.14 18.86
N GLU A 249 -6.52 -23.24 19.55
CA GLU A 249 -5.88 -23.21 20.88
C GLU A 249 -4.50 -22.55 20.75
N GLY A 250 -4.30 -21.47 21.50
CA GLY A 250 -3.00 -20.81 21.58
C GLY A 250 -2.84 -19.70 20.55
N CYS A 251 -3.70 -19.64 19.54
CA CYS A 251 -3.52 -18.69 18.40
C CYS A 251 -3.87 -17.26 18.83
N ASP A 252 -3.20 -16.27 18.24
CA ASP A 252 -3.50 -14.85 18.52
C ASP A 252 -4.43 -14.38 17.37
N HIS A 253 -4.23 -13.20 16.83
CA HIS A 253 -5.24 -12.53 15.96
C HIS A 253 -5.09 -12.86 14.47
N GLY A 254 -4.01 -13.53 14.02
CA GLY A 254 -3.75 -13.75 12.58
C GLY A 254 -3.65 -15.25 12.21
N PRO A 255 -4.75 -16.00 12.36
CA PRO A 255 -4.70 -17.45 12.09
C PRO A 255 -4.17 -17.74 10.69
N PHE A 256 -4.54 -16.92 9.70
CA PHE A 256 -4.10 -17.12 8.29
C PHE A 256 -2.58 -16.88 8.16
N VAL A 257 -1.95 -16.16 9.10
CA VAL A 257 -0.46 -16.01 9.18
C VAL A 257 0.13 -17.12 10.03
N GLU A 258 -0.48 -17.44 11.17
CA GLU A 258 0.08 -18.46 12.10
C GLU A 258 0.13 -19.84 11.45
N ASP A 259 -0.91 -20.22 10.72
CA ASP A 259 -1.03 -21.58 10.13
C ASP A 259 -1.86 -21.50 8.85
N PRO A 260 -1.24 -21.00 7.79
CA PRO A 260 -1.91 -20.76 6.52
C PRO A 260 -2.56 -22.04 5.97
N GLU A 261 -1.93 -23.18 6.18
CA GLU A 261 -2.45 -24.48 5.67
C GLU A 261 -3.76 -24.84 6.41
N ARG A 262 -3.75 -24.75 7.73
CA ARG A 262 -4.94 -25.02 8.54
C ARG A 262 -6.06 -24.02 8.15
N PHE A 263 -5.71 -22.75 7.97
CA PHE A 263 -6.71 -21.70 7.63
C PHE A 263 -7.39 -22.05 6.32
N VAL A 264 -6.61 -22.33 5.30
CA VAL A 264 -7.20 -22.66 3.97
C VAL A 264 -8.01 -23.96 4.06
N LYS A 265 -7.55 -24.96 4.80
CA LYS A 265 -8.25 -26.26 4.95
C LYS A 265 -9.61 -25.97 5.57
N GLU A 266 -9.63 -25.22 6.68
CA GLU A 266 -10.88 -25.01 7.45
C GLU A 266 -11.82 -24.12 6.65
N VAL A 267 -11.33 -23.06 6.03
CA VAL A 267 -12.21 -22.19 5.20
C VAL A 267 -12.73 -23.00 4.01
N GLY A 268 -11.85 -23.75 3.36
CA GLY A 268 -12.23 -24.51 2.17
C GLY A 268 -13.22 -25.57 2.53
N GLU A 269 -13.06 -26.27 3.65
CA GLU A 269 -14.07 -27.32 4.00
C GLU A 269 -15.45 -26.69 4.19
N PHE A 270 -15.47 -25.56 4.86
CA PHE A 270 -16.74 -24.85 5.12
C PHE A 270 -17.38 -24.50 3.78
N VAL A 271 -16.65 -23.83 2.92
CA VAL A 271 -17.21 -23.29 1.67
C VAL A 271 -17.63 -24.49 0.81
N ASP A 272 -16.79 -25.54 0.75
CA ASP A 272 -17.00 -26.68 -0.19
C ASP A 272 -18.21 -27.49 0.25
N ASN A 273 -18.72 -27.32 1.48
CA ASN A 273 -19.88 -28.14 1.90
C ASN A 273 -21.15 -27.30 1.99
N LEU A 274 -21.15 -26.08 1.48
CA LEU A 274 -22.39 -25.26 1.33
C LEU A 274 -23.35 -25.80 0.25
N GLY A 275 -22.86 -26.63 -0.69
CA GLY A 275 -23.70 -27.54 -1.50
C GLY A 275 -24.12 -28.79 -0.70
N ALA B 2 -9.12 6.07 -11.82
CA ALA B 2 -7.73 6.48 -11.54
C ALA B 2 -6.77 5.28 -11.51
N ILE B 3 -7.09 4.11 -10.93
CA ILE B 3 -6.13 2.96 -10.84
C ILE B 3 -6.10 2.18 -12.14
N ARG B 4 -4.90 1.78 -12.59
CA ARG B 4 -4.66 1.12 -13.89
C ARG B 4 -3.60 0.03 -13.73
N GLU B 5 -3.54 -0.86 -14.69
CA GLU B 5 -2.54 -1.95 -14.66
C GLU B 5 -2.04 -2.10 -16.09
N THR B 6 -0.76 -2.36 -16.25
CA THR B 6 -0.18 -2.84 -17.52
C THR B 6 0.77 -3.97 -17.17
N VAL B 7 1.63 -4.35 -18.11
CA VAL B 7 2.51 -5.52 -17.95
C VAL B 7 3.91 -5.16 -18.47
N GLY B 8 4.93 -5.60 -17.75
CA GLY B 8 6.33 -5.42 -18.18
C GLY B 8 6.73 -6.45 -19.23
N VAL B 9 7.96 -6.37 -19.71
CA VAL B 9 8.47 -7.21 -20.84
C VAL B 9 8.60 -8.65 -20.37
N ASP B 10 8.59 -8.89 -19.07
CA ASP B 10 8.76 -10.23 -18.47
C ASP B 10 7.42 -10.73 -17.96
N GLY B 11 6.32 -10.03 -18.26
CA GLY B 11 4.98 -10.41 -17.77
C GLY B 11 4.64 -9.89 -16.38
N THR B 12 5.51 -9.14 -15.71
CA THR B 12 5.19 -8.58 -14.36
C THR B 12 4.08 -7.54 -14.47
N PRO B 13 2.96 -7.67 -13.71
CA PRO B 13 1.94 -6.62 -13.66
C PRO B 13 2.47 -5.34 -13.00
N LEU B 14 2.12 -4.20 -13.60
CA LEU B 14 2.55 -2.88 -13.17
C LEU B 14 1.31 -2.05 -12.87
N VAL B 15 1.21 -1.60 -11.64
CA VAL B 15 0.08 -0.74 -11.28
C VAL B 15 0.53 0.72 -11.31
N TYR B 16 -0.37 1.57 -11.76
CA TYR B 16 -0.17 3.02 -11.75
C TYR B 16 -1.55 3.65 -11.63
N SER B 17 -1.55 4.95 -11.38
CA SER B 17 -2.75 5.80 -11.17
C SER B 17 -2.67 6.97 -12.15
N VAL B 18 -3.81 7.42 -12.66
CA VAL B 18 -3.85 8.56 -13.63
C VAL B 18 -4.85 9.58 -13.14
N THR B 19 -4.46 10.85 -13.11
CA THR B 19 -5.37 11.96 -12.73
C THR B 19 -5.08 13.15 -13.66
N GLY B 20 -6.01 14.08 -13.76
CA GLY B 20 -5.80 15.28 -14.60
C GLY B 20 -6.42 15.08 -15.96
N ASP B 21 -6.38 16.14 -16.75
CA ASP B 21 -6.96 16.21 -18.11
C ASP B 21 -6.20 15.27 -19.04
N PRO B 22 -6.84 14.29 -19.70
CA PRO B 22 -6.13 13.43 -20.66
C PRO B 22 -5.44 14.18 -21.81
N ASP B 23 -5.84 15.42 -22.07
CA ASP B 23 -5.27 16.24 -23.17
C ASP B 23 -4.06 17.02 -22.69
N ALA B 24 -3.85 17.16 -21.38
CA ALA B 24 -2.71 17.93 -20.84
C ALA B 24 -1.40 17.15 -21.05
N ARG B 25 -0.27 17.83 -20.84
CA ARG B 25 1.06 17.22 -20.90
C ARG B 25 1.17 16.09 -19.86
N ALA B 26 1.75 14.96 -20.24
CA ALA B 26 1.94 13.82 -19.34
C ALA B 26 3.08 14.17 -18.39
N LEU B 27 2.84 14.05 -17.08
CA LEU B 27 3.88 14.13 -16.06
C LEU B 27 3.91 12.76 -15.34
N VAL B 28 4.97 11.99 -15.57
CA VAL B 28 5.11 10.59 -15.05
C VAL B 28 5.94 10.70 -13.79
N LEU B 29 5.41 10.19 -12.67
CA LEU B 29 6.08 10.27 -11.34
C LEU B 29 6.63 8.89 -11.00
N LEU B 30 7.95 8.83 -10.82
CA LEU B 30 8.68 7.59 -10.44
C LEU B 30 9.29 7.78 -9.05
N HIS B 31 8.83 6.97 -8.12
CA HIS B 31 9.16 7.09 -6.67
C HIS B 31 10.52 6.43 -6.39
N GLY B 32 10.94 6.51 -5.14
CA GLY B 32 12.20 5.91 -4.65
C GLY B 32 12.13 4.48 -4.16
N TRP B 33 13.32 4.01 -3.79
CA TRP B 33 13.54 2.68 -3.16
C TRP B 33 12.61 2.52 -1.94
N ALA B 34 11.90 1.41 -1.96
CA ALA B 34 10.98 1.01 -0.89
C ALA B 34 9.87 2.06 -0.69
N GLN B 35 9.46 2.80 -1.71
CA GLN B 35 8.27 3.71 -1.59
C GLN B 35 7.20 3.21 -2.55
N SER B 36 6.32 4.12 -2.97
CA SER B 36 5.13 3.76 -3.78
C SER B 36 4.59 5.06 -4.35
N SER B 37 3.59 4.92 -5.20
CA SER B 37 2.89 6.06 -5.81
C SER B 37 2.22 6.91 -4.73
N LYS B 38 2.14 6.48 -3.46
CA LYS B 38 1.49 7.32 -2.41
C LYS B 38 2.46 8.35 -1.81
N CYS B 39 3.76 8.21 -2.10
CA CYS B 39 4.80 9.02 -1.41
C CYS B 39 4.59 10.53 -1.63
N TRP B 40 4.08 10.87 -2.81
CA TRP B 40 3.83 12.30 -3.09
C TRP B 40 2.65 12.67 -2.18
N GLY B 41 2.64 13.85 -1.61
CA GLY B 41 1.45 14.04 -0.75
C GLY B 41 0.18 14.14 -1.56
N PRO B 42 -0.98 13.89 -0.95
CA PRO B 42 -2.25 14.24 -1.62
C PRO B 42 -2.32 15.68 -2.16
N GLY B 43 -1.81 16.64 -1.39
CA GLY B 43 -1.79 18.07 -1.78
C GLY B 43 -0.97 18.30 -3.03
N VAL B 44 0.24 17.73 -3.07
CA VAL B 44 1.08 17.90 -4.30
C VAL B 44 0.45 17.19 -5.49
N LEU B 45 -0.19 16.03 -5.33
CA LEU B 45 -0.82 15.32 -6.47
C LEU B 45 -2.00 16.16 -6.99
N ASP B 46 -2.79 16.71 -6.09
CA ASP B 46 -3.95 17.57 -6.49
C ASP B 46 -3.47 18.78 -7.30
N GLU B 47 -2.44 19.47 -6.84
CA GLU B 47 -1.88 20.68 -7.52
C GLU B 47 -1.35 20.29 -8.90
N LEU B 48 -0.63 19.17 -8.99
CA LEU B 48 -0.08 18.71 -10.29
C LEU B 48 -1.23 18.30 -11.20
N ALA B 49 -2.27 17.67 -10.68
CA ALA B 49 -3.42 17.19 -11.49
C ALA B 49 -4.22 18.39 -12.04
N ALA B 50 -4.19 19.56 -11.39
CA ALA B 50 -4.87 20.77 -11.92
C ALA B 50 -4.19 21.24 -13.21
N ARG B 51 -2.95 20.82 -13.44
CA ARG B 51 -2.18 21.36 -14.61
C ARG B 51 -1.72 20.29 -15.60
N TYR B 52 -1.49 19.05 -15.16
CA TYR B 52 -0.90 18.02 -16.05
C TYR B 52 -1.74 16.75 -15.99
N ARG B 53 -1.47 15.83 -16.90
CA ARG B 53 -1.97 14.46 -16.86
C ARG B 53 -0.96 13.67 -16.02
N VAL B 54 -1.27 13.50 -14.74
CA VAL B 54 -0.34 12.89 -13.77
C VAL B 54 -0.49 11.38 -13.84
N ILE B 55 0.63 10.71 -14.09
CA ILE B 55 0.71 9.25 -14.15
C ILE B 55 1.70 8.83 -13.05
N ALA B 56 1.20 8.33 -11.93
CA ALA B 56 2.04 7.97 -10.75
C ALA B 56 2.19 6.46 -10.71
N VAL B 57 3.39 5.95 -10.95
CA VAL B 57 3.65 4.51 -11.13
C VAL B 57 4.03 3.90 -9.77
N ASP B 58 3.64 2.65 -9.56
CA ASP B 58 4.27 1.78 -8.55
C ASP B 58 5.40 1.04 -9.26
N LEU B 59 6.62 1.25 -8.84
CA LEU B 59 7.75 0.46 -9.40
C LEU B 59 7.48 -1.04 -9.21
N ARG B 60 8.02 -1.87 -10.11
CA ARG B 60 8.09 -3.33 -9.88
C ARG B 60 8.66 -3.61 -8.47
N GLY B 61 8.06 -4.54 -7.77
CA GLY B 61 8.39 -4.93 -6.39
C GLY B 61 7.77 -4.02 -5.35
N HIS B 62 7.06 -2.98 -5.76
CA HIS B 62 6.61 -1.89 -4.86
C HIS B 62 5.09 -1.68 -4.99
N GLY B 63 4.48 -1.13 -3.94
CA GLY B 63 3.05 -0.79 -3.92
C GLY B 63 2.22 -1.97 -4.33
N TYR B 64 1.39 -1.81 -5.34
CA TYR B 64 0.49 -2.89 -5.83
C TYR B 64 1.02 -3.51 -7.12
N SER B 65 2.26 -3.21 -7.51
CA SER B 65 2.85 -3.90 -8.69
C SER B 65 3.29 -5.31 -8.33
N GLY B 66 3.50 -6.18 -9.32
CA GLY B 66 4.06 -7.52 -9.10
C GLY B 66 5.44 -7.43 -8.49
N ALA B 67 5.86 -8.47 -7.77
CA ALA B 67 7.17 -8.56 -7.10
C ALA B 67 7.86 -9.86 -7.53
N PRO B 68 8.36 -9.96 -8.78
CA PRO B 68 9.05 -11.17 -9.22
C PRO B 68 10.35 -11.37 -8.46
N ASP B 69 11.01 -12.50 -8.71
CA ASP B 69 12.22 -12.92 -7.95
C ASP B 69 13.46 -12.30 -8.56
N THR B 70 13.42 -12.04 -9.87
CA THR B 70 14.60 -11.69 -10.67
C THR B 70 14.32 -10.45 -11.55
N GLY B 71 15.34 -9.81 -12.10
CA GLY B 71 15.19 -8.78 -13.14
C GLY B 71 15.52 -7.37 -12.67
N TYR B 72 15.67 -7.18 -11.34
CA TYR B 72 15.84 -5.81 -10.78
C TYR B 72 17.21 -5.27 -11.16
N ASP B 73 18.12 -6.12 -11.68
CA ASP B 73 19.48 -5.67 -12.00
C ASP B 73 19.61 -5.40 -13.50
N ASP B 74 18.53 -5.52 -14.25
CA ASP B 74 18.56 -5.41 -15.74
C ASP B 74 17.98 -4.05 -16.14
N SER B 75 18.83 -3.15 -16.59
CA SER B 75 18.38 -1.81 -17.10
C SER B 75 17.28 -1.96 -18.16
N ALA B 76 17.33 -2.96 -19.03
CA ALA B 76 16.32 -3.16 -20.10
C ALA B 76 14.95 -3.49 -19.51
N VAL B 77 14.92 -4.23 -18.40
CA VAL B 77 13.66 -4.60 -17.73
C VAL B 77 13.02 -3.31 -17.18
N TRP B 78 13.78 -2.52 -16.44
CA TRP B 78 13.28 -1.21 -15.94
C TRP B 78 12.78 -0.35 -17.11
N ALA B 79 13.57 -0.25 -18.19
CA ALA B 79 13.17 0.57 -19.35
C ALA B 79 11.80 0.10 -19.84
N GLY B 80 11.66 -1.22 -19.92
CA GLY B 80 10.45 -1.88 -20.42
C GLY B 80 9.27 -1.51 -19.57
N ASP B 81 9.47 -1.33 -18.27
CA ASP B 81 8.37 -0.93 -17.38
C ASP B 81 7.91 0.50 -17.71
N VAL B 82 8.82 1.44 -17.90
CA VAL B 82 8.42 2.84 -18.19
C VAL B 82 7.72 2.86 -19.56
N ASP B 83 8.31 2.17 -20.51
CA ASP B 83 7.74 2.04 -21.88
C ASP B 83 6.31 1.49 -21.79
N ALA B 84 6.07 0.43 -21.00
CA ALA B 84 4.74 -0.21 -20.90
C ALA B 84 3.71 0.81 -20.40
N VAL B 85 4.07 1.64 -19.41
CA VAL B 85 3.11 2.60 -18.84
C VAL B 85 2.84 3.71 -19.89
N LEU B 86 3.88 4.21 -20.52
CA LEU B 86 3.72 5.26 -21.55
C LEU B 86 2.85 4.70 -22.69
N THR B 87 3.15 3.50 -23.15
CA THR B 87 2.43 2.81 -24.26
C THR B 87 0.96 2.63 -23.88
N ALA B 88 0.67 2.08 -22.69
CA ALA B 88 -0.69 1.92 -22.14
C ALA B 88 -1.45 3.25 -22.12
N GLU B 89 -0.83 4.39 -21.86
CA GLU B 89 -1.53 5.68 -21.75
C GLU B 89 -1.50 6.38 -23.12
N GLY B 90 -0.91 5.74 -24.13
CA GLY B 90 -0.72 6.30 -25.49
C GLY B 90 0.11 7.57 -25.47
N VAL B 91 1.09 7.66 -24.58
CA VAL B 91 1.97 8.87 -24.49
C VAL B 91 3.19 8.64 -25.37
N THR B 92 3.25 9.30 -26.53
CA THR B 92 4.31 9.06 -27.53
C THR B 92 5.16 10.30 -27.70
N SER B 93 4.80 11.42 -27.09
CA SER B 93 5.53 12.69 -27.17
C SER B 93 5.15 13.60 -26.01
N GLY B 94 6.04 14.54 -25.71
CA GLY B 94 5.77 15.68 -24.83
C GLY B 94 5.95 15.35 -23.34
N ALA B 95 6.19 14.08 -23.00
CA ALA B 95 6.14 13.68 -21.58
C ALA B 95 7.23 14.36 -20.75
N VAL B 96 6.95 14.58 -19.46
CA VAL B 96 8.01 14.94 -18.49
C VAL B 96 8.13 13.77 -17.51
N LEU B 97 9.32 13.17 -17.39
CA LEU B 97 9.58 12.07 -16.43
C LEU B 97 10.22 12.70 -15.18
N LEU B 98 9.58 12.50 -14.03
CA LEU B 98 10.07 13.05 -12.77
C LEU B 98 10.40 11.84 -11.88
N GLY B 99 11.64 11.78 -11.45
CA GLY B 99 12.16 10.64 -10.69
C GLY B 99 12.67 11.17 -9.37
N TRP B 100 12.17 10.59 -8.29
CA TRP B 100 12.72 10.85 -6.95
C TRP B 100 13.65 9.70 -6.55
N SER B 101 14.82 10.03 -6.02
CA SER B 101 15.75 9.07 -5.40
C SER B 101 16.11 7.99 -6.46
N TYR B 102 15.82 6.71 -6.20
CA TYR B 102 16.03 5.59 -7.16
C TYR B 102 15.30 5.84 -8.49
N GLY B 103 14.15 6.52 -8.46
CA GLY B 103 13.38 6.86 -9.68
C GLY B 103 14.25 7.54 -10.75
N GLY B 104 15.29 8.29 -10.38
CA GLY B 104 16.26 8.88 -11.34
C GLY B 104 16.94 7.78 -12.16
N LEU B 105 17.29 6.68 -11.51
CA LEU B 105 17.99 5.54 -12.15
C LEU B 105 17.03 4.83 -13.09
N VAL B 106 15.76 4.72 -12.69
CA VAL B 106 14.72 4.09 -13.52
C VAL B 106 14.55 4.92 -14.80
N ILE B 107 14.51 6.25 -14.67
CA ILE B 107 14.37 7.15 -15.84
C ILE B 107 15.58 6.92 -16.76
N CYS B 108 16.78 6.94 -16.20
CA CYS B 108 18.01 6.82 -17.02
C CYS B 108 18.08 5.45 -17.71
N ASP B 109 17.65 4.38 -17.03
CA ASP B 109 17.52 3.05 -17.70
C ASP B 109 16.58 3.20 -18.90
N TYR B 110 15.45 3.86 -18.71
CA TYR B 110 14.47 4.02 -19.81
C TYR B 110 15.13 4.82 -20.97
N LEU B 111 15.76 5.94 -20.65
CA LEU B 111 16.31 6.85 -21.71
C LEU B 111 17.46 6.10 -22.44
N ALA B 112 18.20 5.26 -21.72
CA ALA B 112 19.34 4.52 -22.30
C ALA B 112 18.87 3.52 -23.33
N SER B 113 17.73 2.87 -23.11
CA SER B 113 17.14 1.88 -24.05
C SER B 113 16.29 2.53 -25.15
N ASN B 114 15.53 3.58 -24.84
CA ASN B 114 14.41 4.00 -25.72
C ASN B 114 14.71 5.39 -26.30
N GLY B 115 15.68 6.12 -25.77
CA GLY B 115 15.96 7.48 -26.23
C GLY B 115 14.92 8.45 -25.74
N THR B 116 14.91 9.67 -26.31
CA THR B 116 14.19 10.81 -25.75
C THR B 116 12.96 11.17 -26.60
N SER B 117 12.56 10.37 -27.60
CA SER B 117 11.54 10.83 -28.58
C SER B 117 10.17 11.03 -27.90
N ALA B 118 9.87 10.30 -26.81
CA ALA B 118 8.58 10.45 -26.10
C ALA B 118 8.66 11.54 -25.04
N VAL B 119 9.82 12.15 -24.81
CA VAL B 119 9.95 13.07 -23.65
C VAL B 119 10.41 14.45 -24.10
N ASP B 120 9.87 15.47 -23.43
CA ASP B 120 10.31 16.86 -23.63
C ASP B 120 11.12 17.35 -22.44
N GLY B 121 11.14 16.63 -21.31
CA GLY B 121 11.84 17.13 -20.13
C GLY B 121 11.98 16.04 -19.07
N VAL B 122 12.96 16.21 -18.20
CA VAL B 122 13.17 15.26 -17.07
C VAL B 122 13.32 16.11 -15.83
N VAL B 123 12.75 15.65 -14.71
CA VAL B 123 12.99 16.30 -13.41
C VAL B 123 13.61 15.22 -12.49
N LEU B 124 14.77 15.52 -11.94
CA LEU B 124 15.49 14.63 -10.98
C LEU B 124 15.40 15.25 -9.58
N VAL B 125 14.71 14.54 -8.69
CA VAL B 125 14.48 15.05 -7.33
C VAL B 125 15.27 14.19 -6.35
N GLY B 126 16.31 14.77 -5.72
CA GLY B 126 17.17 14.03 -4.79
C GLY B 126 17.61 12.72 -5.40
N ALA B 127 17.95 12.73 -6.70
CA ALA B 127 18.00 11.50 -7.49
C ALA B 127 19.41 10.90 -7.50
N ILE B 128 19.47 9.59 -7.61
CA ILE B 128 20.66 8.90 -8.21
C ILE B 128 20.38 8.76 -9.70
N THR B 129 21.44 8.67 -10.51
CA THR B 129 21.36 8.40 -11.96
C THR B 129 22.27 7.27 -12.34
N SER B 130 23.13 6.84 -11.42
CA SER B 130 24.00 5.65 -11.55
C SER B 130 23.94 4.88 -10.23
N ILE B 131 24.47 3.68 -10.22
CA ILE B 131 24.55 2.89 -8.97
C ILE B 131 25.78 1.98 -9.07
N GLY B 132 26.51 1.92 -7.98
CA GLY B 132 27.67 1.02 -7.91
C GLY B 132 28.84 1.68 -7.23
N ARG B 133 29.83 0.85 -6.98
CA ARG B 133 31.08 1.39 -6.42
C ARG B 133 31.65 2.50 -7.31
N GLY B 134 32.05 3.59 -6.69
CA GLY B 134 32.79 4.67 -7.37
C GLY B 134 31.92 5.56 -8.26
N GLU B 135 30.59 5.44 -8.19
CA GLU B 135 29.70 6.20 -9.09
C GLU B 135 29.33 7.50 -8.38
N ALA B 136 29.79 8.65 -8.86
CA ALA B 136 29.46 9.95 -8.25
C ALA B 136 27.94 10.17 -8.35
N GLY B 137 27.30 9.70 -9.42
CA GLY B 137 25.85 9.86 -9.65
C GLY B 137 25.00 8.90 -8.80
N GLY B 138 25.65 8.02 -8.03
CA GLY B 138 25.03 7.03 -7.13
C GLY B 138 25.43 7.28 -5.68
N LYS B 139 26.05 8.41 -5.38
CA LYS B 139 26.65 8.69 -4.05
C LYS B 139 25.57 8.76 -2.95
N VAL B 140 25.64 7.86 -2.00
CA VAL B 140 24.63 7.75 -0.91
C VAL B 140 25.10 8.52 0.32
N GLY B 141 24.16 9.03 1.12
CA GLY B 141 24.50 9.84 2.29
C GLY B 141 24.63 8.98 3.54
N ALA B 142 24.83 9.62 4.69
CA ALA B 142 25.16 8.98 5.99
C ALA B 142 24.00 8.08 6.42
N ALA B 143 22.76 8.50 6.20
CA ALA B 143 21.57 7.75 6.67
C ALA B 143 21.44 6.47 5.85
N MET B 144 21.65 6.50 4.53
CA MET B 144 21.54 5.27 3.70
C MET B 144 22.69 4.31 4.02
N ARG B 145 23.91 4.84 4.14
CA ARG B 145 25.08 4.04 4.58
C ARG B 145 24.78 3.34 5.92
N ALA B 146 24.14 4.01 6.86
CA ALA B 146 23.90 3.39 8.18
C ALA B 146 22.82 2.32 8.08
N ALA B 147 21.88 2.48 7.15
CA ALA B 147 20.73 1.54 7.04
C ALA B 147 21.09 0.24 6.31
N ILE B 148 22.20 0.21 5.58
CA ILE B 148 22.61 -1.01 4.84
C ILE B 148 23.58 -1.83 5.71
N PRO B 149 23.42 -3.16 5.84
CA PRO B 149 22.39 -3.94 5.17
C PRO B 149 21.18 -4.27 6.04
N GLY B 150 21.09 -3.65 7.21
CA GLY B 150 20.04 -3.94 8.21
C GLY B 150 18.65 -3.75 7.62
N ALA B 151 18.51 -2.74 6.75
CA ALA B 151 17.18 -2.40 6.18
C ALA B 151 16.72 -3.47 5.22
N MET B 152 17.60 -4.38 4.79
CA MET B 152 17.25 -5.48 3.88
C MET B 152 16.91 -6.75 4.64
N SER B 153 16.94 -6.73 5.96
CA SER B 153 16.78 -7.97 6.77
C SER B 153 15.33 -8.45 6.69
N GLU B 154 15.15 -9.76 6.65
CA GLU B 154 13.83 -10.40 6.81
C GLU B 154 13.45 -10.38 8.28
N GLU B 155 14.41 -10.34 9.20
CA GLU B 155 14.10 -10.26 10.65
C GLU B 155 13.53 -8.89 10.94
N PRO B 156 12.30 -8.82 11.47
CA PRO B 156 11.60 -7.55 11.56
C PRO B 156 12.17 -6.49 12.49
N ARG B 157 12.73 -6.91 13.62
CA ARG B 157 13.31 -5.92 14.55
C ARG B 157 14.52 -5.29 13.90
N GLU B 158 15.36 -6.05 13.22
CA GLU B 158 16.57 -5.48 12.57
C GLU B 158 16.12 -4.50 11.45
N ALA B 159 15.12 -4.87 10.69
CA ALA B 159 14.67 -4.00 9.54
C ALA B 159 14.00 -2.73 10.10
N ILE B 160 13.20 -2.88 11.14
CA ILE B 160 12.48 -1.71 11.71
C ILE B 160 13.53 -0.76 12.28
N ARG B 161 14.53 -1.27 12.97
CA ARG B 161 15.56 -0.38 13.57
C ARG B 161 16.31 0.33 12.42
N ALA B 162 16.73 -0.41 11.40
CA ALA B 162 17.55 0.14 10.32
C ALA B 162 16.76 1.16 9.48
N LEU B 163 15.52 0.84 9.11
CA LEU B 163 14.67 1.80 8.38
C LEU B 163 14.35 2.99 9.26
N GLY B 164 14.13 2.74 10.54
CA GLY B 164 13.79 3.79 11.50
C GLY B 164 14.93 4.76 11.68
N ALA B 165 16.17 4.36 11.39
CA ALA B 165 17.42 5.16 11.47
C ALA B 165 17.46 6.32 10.47
N PHE B 166 16.70 6.27 9.37
CA PHE B 166 16.52 7.44 8.50
C PHE B 166 15.89 8.63 9.25
N GLY B 167 15.19 8.40 10.35
CA GLY B 167 14.55 9.47 11.14
C GLY B 167 13.62 10.33 10.31
N ASN B 168 13.83 11.65 10.33
CA ASN B 168 12.98 12.63 9.63
C ASN B 168 13.55 12.98 8.24
N ALA B 169 14.48 12.16 7.71
CA ALA B 169 15.14 12.44 6.40
C ALA B 169 14.13 12.66 5.27
N LEU B 170 13.00 11.94 5.22
CA LEU B 170 12.12 12.02 4.04
C LEU B 170 11.11 13.15 4.18
N THR B 171 10.94 13.72 5.38
CA THR B 171 9.89 14.73 5.62
C THR B 171 10.48 16.08 5.99
N GLY B 172 11.68 16.12 6.53
CA GLY B 172 12.21 17.27 7.26
C GLY B 172 11.48 17.36 8.60
N PRO B 173 11.56 18.50 9.31
CA PRO B 173 10.79 18.67 10.56
C PRO B 173 9.35 18.17 10.41
N PRO B 174 8.92 17.16 11.21
CA PRO B 174 7.63 16.54 10.92
C PRO B 174 6.40 17.26 11.45
N GLU B 175 6.60 18.39 12.11
CA GLU B 175 5.49 19.28 12.59
C GLU B 175 4.41 19.41 11.52
N GLY B 176 3.19 19.02 11.86
CA GLY B 176 2.00 19.10 11.00
C GLY B 176 2.01 18.10 9.85
N LYS B 177 2.94 17.16 9.83
CA LYS B 177 3.13 16.20 8.71
C LYS B 177 3.23 14.78 9.24
N GLY B 178 2.72 14.53 10.46
CA GLY B 178 2.94 13.24 11.14
C GLY B 178 2.33 12.08 10.37
N ALA B 179 1.17 12.27 9.71
CA ALA B 179 0.56 11.20 8.87
C ALA B 179 1.48 10.81 7.71
N GLN B 180 2.08 11.80 7.04
CA GLN B 180 3.04 11.57 5.95
C GLN B 180 4.27 10.82 6.48
N SER B 181 4.82 11.26 7.62
CA SER B 181 5.97 10.60 8.28
C SER B 181 5.68 9.13 8.44
N GLN B 182 4.53 8.83 9.02
CA GLN B 182 4.13 7.42 9.30
C GLN B 182 3.97 6.63 8.00
N ALA B 183 3.30 7.20 7.03
CA ALA B 183 3.00 6.52 5.73
C ALA B 183 4.30 6.22 5.00
N LEU B 184 5.26 7.16 5.00
CA LEU B 184 6.56 6.89 4.28
C LEU B 184 7.33 5.77 4.97
N PHE B 185 7.33 5.72 6.31
CA PHE B 185 7.98 4.63 7.03
C PHE B 185 7.23 3.33 6.70
N GLY B 186 5.92 3.37 6.77
CA GLY B 186 5.07 2.18 6.53
C GLY B 186 5.33 1.59 5.15
N ALA B 187 5.41 2.41 4.11
CA ALA B 187 5.62 1.95 2.72
C ALA B 187 6.94 1.19 2.64
N SER B 188 7.97 1.66 3.30
CA SER B 188 9.29 0.98 3.30
C SER B 188 9.12 -0.45 3.87
N LEU B 189 8.36 -0.61 4.94
CA LEU B 189 8.15 -1.92 5.59
C LEU B 189 7.25 -2.82 4.76
N THR B 190 6.33 -2.26 3.97
CA THR B 190 5.45 -3.08 3.09
C THR B 190 6.23 -3.54 1.87
N THR B 191 7.33 -2.87 1.52
CA THR B 191 8.20 -3.37 0.42
C THR B 191 8.96 -4.64 0.88
N PRO B 192 8.85 -5.79 0.18
CA PRO B 192 9.51 -7.01 0.63
C PRO B 192 11.00 -6.80 0.81
N PRO B 193 11.56 -7.27 1.93
CA PRO B 193 13.01 -7.21 2.14
C PRO B 193 13.81 -7.67 0.90
N ARG B 194 13.37 -8.75 0.28
CA ARG B 194 14.13 -9.29 -0.90
C ARG B 194 14.13 -8.26 -2.04
N VAL B 195 13.05 -7.46 -2.17
CA VAL B 195 13.01 -6.38 -3.18
C VAL B 195 13.95 -5.25 -2.79
N ARG B 196 13.92 -4.87 -1.52
CA ARG B 196 14.84 -3.82 -1.03
C ARG B 196 16.28 -4.21 -1.38
N ALA B 197 16.60 -5.47 -1.15
CA ALA B 197 17.98 -5.97 -1.44
C ALA B 197 18.25 -5.97 -2.97
N ALA B 198 17.30 -6.49 -3.75
CA ALA B 198 17.47 -6.72 -5.22
C ALA B 198 17.74 -5.39 -5.94
N LEU B 199 17.08 -4.28 -5.52
CA LEU B 199 17.27 -2.96 -6.18
C LEU B 199 18.71 -2.48 -6.04
N PHE B 200 19.40 -2.85 -4.99
CA PHE B 200 20.79 -2.40 -4.73
C PHE B 200 21.85 -3.42 -5.18
N ASN B 201 21.47 -4.65 -5.49
CA ASN B 201 22.43 -5.71 -5.93
C ASN B 201 22.62 -5.57 -7.45
N ARG B 202 23.18 -4.45 -7.87
CA ARG B 202 23.33 -4.15 -9.32
C ARG B 202 24.36 -3.06 -9.47
N SER B 203 24.84 -2.93 -10.72
CA SER B 203 25.67 -1.76 -11.11
C SER B 203 25.23 -1.27 -12.47
N ALA B 204 25.35 0.02 -12.60
CA ALA B 204 24.98 0.75 -13.83
C ALA B 204 25.54 2.15 -13.76
N SER B 205 26.20 2.58 -14.84
CA SER B 205 26.61 3.98 -14.98
C SER B 205 25.83 4.60 -16.13
N HIS B 206 25.22 5.75 -15.89
CA HIS B 206 24.53 6.50 -16.95
C HIS B 206 25.20 7.86 -17.12
N ASP B 207 26.46 7.99 -16.72
CA ASP B 207 27.16 9.27 -16.95
C ASP B 207 27.15 9.61 -18.46
N ASP B 208 27.49 8.69 -19.34
CA ASP B 208 27.52 8.99 -20.80
C ASP B 208 26.09 9.24 -21.33
N LEU B 209 25.08 8.52 -20.84
CA LEU B 209 23.67 8.83 -21.19
C LEU B 209 23.40 10.30 -20.83
N LEU B 210 23.75 10.75 -19.62
CA LEU B 210 23.48 12.14 -19.18
C LEU B 210 24.16 13.13 -20.13
N ARG B 211 25.41 12.85 -20.47
CA ARG B 211 26.18 13.75 -21.37
C ARG B 211 25.50 13.82 -22.74
N SER B 212 24.70 12.83 -23.09
CA SER B 212 24.12 12.75 -24.46
C SER B 212 22.69 13.28 -24.51
N LEU B 213 22.14 13.70 -23.36
CA LEU B 213 20.69 14.06 -23.38
C LEU B 213 20.43 15.34 -24.20
N ASP B 214 19.35 15.32 -24.97
CA ASP B 214 18.99 16.45 -25.88
C ASP B 214 17.68 17.06 -25.41
N VAL B 215 17.35 16.89 -24.13
CA VAL B 215 16.15 17.54 -23.51
C VAL B 215 16.61 18.24 -22.25
N PRO B 216 15.89 19.30 -21.84
CA PRO B 216 16.16 20.01 -20.62
C PRO B 216 15.84 19.13 -19.39
N VAL B 217 16.63 19.33 -18.33
CA VAL B 217 16.51 18.57 -17.06
C VAL B 217 16.56 19.55 -15.92
N LEU B 218 15.61 19.41 -14.99
CA LEU B 218 15.66 20.18 -13.74
C LEU B 218 16.24 19.24 -12.69
N VAL B 219 17.36 19.63 -12.09
CA VAL B 219 17.96 18.90 -10.96
C VAL B 219 17.56 19.66 -9.69
N LEU B 220 16.68 19.04 -8.90
CA LEU B 220 16.18 19.59 -7.63
C LEU B 220 16.73 18.69 -6.51
N HIS B 221 17.50 19.25 -5.62
CA HIS B 221 18.20 18.47 -4.58
C HIS B 221 18.36 19.30 -3.32
N GLY B 222 18.09 18.70 -2.17
CA GLY B 222 18.37 19.38 -0.88
C GLY B 222 19.85 19.34 -0.56
N THR B 223 20.40 20.46 -0.04
CA THR B 223 21.84 20.55 0.29
C THR B 223 22.18 19.67 1.48
N GLU B 224 21.22 19.34 2.32
CA GLU B 224 21.46 18.47 3.52
C GLU B 224 20.86 17.10 3.30
N ASP B 225 20.72 16.67 2.04
CA ASP B 225 20.19 15.30 1.76
C ASP B 225 21.10 14.27 2.45
N SER B 226 20.53 13.48 3.36
CA SER B 226 21.23 12.44 4.16
C SER B 226 21.06 11.07 3.51
N VAL B 227 20.33 11.02 2.40
CA VAL B 227 20.03 9.72 1.73
C VAL B 227 20.80 9.62 0.42
N VAL B 228 20.59 10.60 -0.47
CA VAL B 228 21.42 10.70 -1.70
C VAL B 228 22.18 12.02 -1.57
N ASP B 229 23.49 11.94 -1.44
CA ASP B 229 24.34 13.14 -1.28
C ASP B 229 24.05 14.14 -2.41
N VAL B 230 23.98 15.42 -2.07
CA VAL B 230 23.75 16.54 -3.01
C VAL B 230 24.82 16.51 -4.12
N SER B 231 25.99 15.93 -3.85
CA SER B 231 27.06 15.82 -4.88
C SER B 231 26.53 15.00 -6.05
N ALA B 232 25.65 14.04 -5.79
CA ALA B 232 25.07 13.19 -6.87
C ALA B 232 24.30 14.10 -7.83
N GLY B 233 23.50 15.04 -7.28
CA GLY B 233 22.76 16.01 -8.09
C GLY B 233 23.70 16.98 -8.79
N ARG B 234 24.76 17.40 -8.11
CA ARG B 234 25.77 18.33 -8.70
C ARG B 234 26.38 17.61 -9.92
N HIS B 235 26.76 16.35 -9.74
CA HIS B 235 27.32 15.48 -10.81
C HIS B 235 26.38 15.49 -12.02
N ALA B 236 25.08 15.17 -11.85
CA ALA B 236 24.14 15.12 -12.98
C ALA B 236 24.01 16.50 -13.62
N ALA B 237 23.85 17.59 -12.84
CA ALA B 237 23.72 18.97 -13.37
C ALA B 237 24.92 19.30 -14.24
N GLU B 238 26.12 18.92 -13.81
CA GLU B 238 27.37 19.17 -14.57
C GLU B 238 27.41 18.37 -15.88
N LEU B 239 26.96 17.13 -15.91
CA LEU B 239 27.12 16.28 -17.13
C LEU B 239 26.03 16.62 -18.17
N ILE B 240 24.81 16.92 -17.72
CA ILE B 240 23.65 17.10 -18.64
C ILE B 240 23.88 18.40 -19.38
N PRO B 241 23.83 18.40 -20.72
CA PRO B 241 24.02 19.64 -21.48
C PRO B 241 23.02 20.75 -21.11
N GLN B 242 21.74 20.43 -20.97
CA GLN B 242 20.72 21.48 -20.71
C GLN B 242 20.10 21.24 -19.33
N ALA B 243 20.91 21.32 -18.28
CA ALA B 243 20.43 21.17 -16.89
C ALA B 243 20.20 22.54 -16.26
N ARG B 244 19.15 22.65 -15.48
CA ARG B 244 18.90 23.77 -14.56
C ARG B 244 18.94 23.17 -13.17
N ALA B 245 19.76 23.70 -12.28
CA ALA B 245 19.92 23.14 -10.93
C ALA B 245 19.08 23.94 -9.97
N SER B 246 18.41 23.29 -9.04
CA SER B 246 17.77 24.00 -7.92
C SER B 246 18.17 23.31 -6.61
N PHE B 247 19.14 23.88 -5.91
CA PHE B 247 19.68 23.26 -4.68
C PHE B 247 18.98 23.90 -3.50
N TRP B 248 18.12 23.15 -2.82
CA TRP B 248 17.29 23.71 -1.71
C TRP B 248 18.11 23.74 -0.44
N GLU B 249 18.50 24.94 0.01
CA GLU B 249 19.34 25.07 1.22
C GLU B 249 18.62 24.51 2.44
N GLY B 250 19.26 23.64 3.19
CA GLY B 250 18.76 23.11 4.46
C GLY B 250 17.81 21.94 4.27
N CYS B 251 17.44 21.59 3.03
CA CYS B 251 16.42 20.54 2.79
C CYS B 251 17.08 19.16 2.84
N ASP B 252 16.34 18.14 3.32
CA ASP B 252 16.86 16.75 3.28
C ASP B 252 16.32 16.06 2.02
N HIS B 253 15.85 14.82 2.13
CA HIS B 253 15.58 13.97 0.94
C HIS B 253 14.19 14.16 0.31
N GLY B 254 13.23 14.81 0.98
CA GLY B 254 11.85 14.89 0.51
C GLY B 254 11.36 16.31 0.25
N PRO B 255 11.90 17.01 -0.76
CA PRO B 255 11.51 18.40 -0.95
C PRO B 255 10.00 18.58 -1.14
N PHE B 256 9.33 17.58 -1.73
CA PHE B 256 7.89 17.64 -2.02
C PHE B 256 7.12 17.52 -0.69
N VAL B 257 7.76 17.00 0.36
CA VAL B 257 7.16 16.95 1.72
C VAL B 257 7.59 18.17 2.52
N GLU B 258 8.86 18.54 2.44
CA GLU B 258 9.37 19.73 3.22
C GLU B 258 8.67 21.00 2.80
N ASP B 259 8.47 21.24 1.50
CA ASP B 259 7.86 22.49 1.00
C ASP B 259 7.11 22.21 -0.29
N PRO B 260 5.90 21.63 -0.15
CA PRO B 260 5.05 21.25 -1.27
C PRO B 260 4.75 22.43 -2.21
N GLU B 261 4.51 23.62 -1.65
CA GLU B 261 4.31 24.87 -2.43
C GLU B 261 5.55 25.16 -3.30
N ARG B 262 6.74 25.17 -2.74
CA ARG B 262 7.96 25.49 -3.51
C ARG B 262 8.18 24.37 -4.54
N PHE B 263 7.85 23.11 -4.21
CA PHE B 263 8.08 21.97 -5.13
C PHE B 263 7.20 22.13 -6.37
N VAL B 264 5.93 22.40 -6.14
CA VAL B 264 4.98 22.51 -7.25
C VAL B 264 5.35 23.73 -8.10
N LYS B 265 5.74 24.82 -7.46
CA LYS B 265 6.10 26.07 -8.17
C LYS B 265 7.29 25.78 -9.10
N GLU B 266 8.35 25.18 -8.57
CA GLU B 266 9.60 24.98 -9.34
C GLU B 266 9.36 23.94 -10.42
N VAL B 267 8.68 22.84 -10.13
CA VAL B 267 8.38 21.83 -11.16
C VAL B 267 7.48 22.46 -12.22
N GLY B 268 6.48 23.21 -11.78
CA GLY B 268 5.53 23.83 -12.71
C GLY B 268 6.21 24.84 -13.62
N GLU B 269 7.09 25.67 -13.10
CA GLU B 269 7.78 26.71 -13.90
C GLU B 269 8.69 26.04 -14.94
N PHE B 270 9.32 24.93 -14.57
CA PHE B 270 10.18 24.14 -15.49
C PHE B 270 9.31 23.57 -16.63
N VAL B 271 8.25 22.86 -16.28
CA VAL B 271 7.36 22.15 -17.24
C VAL B 271 6.66 23.20 -18.15
N ASP B 272 6.13 24.27 -17.54
CA ASP B 272 5.35 25.32 -18.25
C ASP B 272 6.27 26.00 -19.27
N ASN B 273 7.57 26.04 -19.02
CA ASN B 273 8.53 26.73 -19.92
C ASN B 273 9.08 25.80 -21.01
N LEU B 274 8.63 24.55 -21.11
CA LEU B 274 9.03 23.65 -22.24
C LEU B 274 8.30 24.04 -23.53
#